data_9MS6
#
_entry.id   9MS6
#
_cell.length_a   64.842
_cell.length_b   64.842
_cell.length_c   85.573
_cell.angle_alpha   90.00
_cell.angle_beta   90.00
_cell.angle_gamma   120.00
#
_symmetry.space_group_name_H-M   'P 32 2 1'
#
loop_
_entity.id
_entity.type
_entity.pdbx_description
1 polymer 'PWe1 endolysin'
2 non-polymer 'SULFATE ION'
3 non-polymer 'BROMIDE ION'
4 water water
#
_entity_poly.entity_id   1
_entity_poly.type   'polypeptide(L)'
_entity_poly.pdbx_seq_one_letter_code
;MITDLLRAVAPNCKDPEGWGEQLTPAMEKFGIRDREDIAAFIAQLMVESGELNRVVENLSYSTKRLREVWPKRFPDDRTA
MRYANNPQALANYVYANRIGNGNEASGDGWRFRGRGPIQTTGRANYLQLERALGIPVTRKPELLETQALGALAAAKFWYD
NKLTSLALDIAGDDQEADWVTITRRINGGTEGLARRRQYRDKARKHLGLV
;
_entity_poly.pdbx_strand_id   A
#
loop_
_chem_comp.id
_chem_comp.type
_chem_comp.name
_chem_comp.formula
BR non-polymer 'BROMIDE ION' 'Br -1'
SO4 non-polymer 'SULFATE ION' 'O4 S -2'
#
# COMPACT_ATOMS: atom_id res chain seq x y z
N MET A 1 21.24 2.81 8.85
CA MET A 1 20.65 1.50 8.70
C MET A 1 19.17 1.64 8.84
N ILE A 2 18.46 1.09 7.85
CA ILE A 2 17.00 1.19 7.84
C ILE A 2 16.43 0.46 9.04
N THR A 3 17.07 -0.62 9.45
CA THR A 3 16.54 -1.41 10.56
C THR A 3 16.49 -0.59 11.83
N ASP A 4 17.58 0.13 12.13
CA ASP A 4 17.58 0.97 13.33
C ASP A 4 16.74 2.23 13.13
N LEU A 5 16.48 2.64 11.88
CA LEU A 5 15.52 3.71 11.64
C LEU A 5 14.09 3.23 11.90
N LEU A 6 13.74 2.04 11.43
CA LEU A 6 12.41 1.52 11.70
C LEU A 6 12.14 1.41 13.20
N ARG A 7 13.17 1.28 14.02
CA ARG A 7 12.98 1.22 15.47
C ARG A 7 12.82 2.60 16.08
N ALA A 8 13.62 3.57 15.65
CA ALA A 8 13.52 4.91 16.18
C ALA A 8 12.17 5.55 15.86
N VAL A 9 11.60 5.21 14.71
CA VAL A 9 10.31 5.75 14.30
C VAL A 9 9.15 4.96 14.91
N ALA A 10 9.33 3.65 15.12
CA ALA A 10 8.27 2.78 15.61
C ALA A 10 8.89 1.67 16.44
N PRO A 11 9.27 1.97 17.70
CA PRO A 11 9.95 0.95 18.52
C PRO A 11 9.15 -0.32 18.68
N ASN A 12 7.86 -0.27 18.34
CA ASN A 12 6.97 -1.41 18.42
C ASN A 12 6.63 -1.98 17.07
N CYS A 13 7.30 -1.55 16.00
CA CYS A 13 7.03 -2.12 14.68
C CYS A 13 7.45 -3.58 14.67
N LYS A 14 6.76 -4.36 13.85
CA LYS A 14 7.00 -5.79 13.77
C LYS A 14 8.29 -6.05 13.00
N ASP A 15 9.17 -6.89 13.57
CA ASP A 15 10.36 -7.45 12.93
C ASP A 15 11.15 -6.40 12.15
N PRO A 16 11.72 -5.39 12.78
CA PRO A 16 12.42 -4.35 12.01
C PRO A 16 13.71 -4.84 11.38
N GLU A 17 14.22 -6.01 11.79
CA GLU A 17 15.44 -6.50 11.19
C GLU A 17 15.19 -7.31 9.93
N GLY A 18 14.09 -8.06 9.91
CA GLY A 18 13.72 -8.76 8.68
C GLY A 18 13.28 -7.81 7.59
N TRP A 19 12.44 -6.83 7.93
CA TRP A 19 12.04 -5.81 6.97
C TRP A 19 13.24 -4.92 6.59
N GLY A 20 14.10 -4.64 7.56
CA GLY A 20 15.27 -3.83 7.27
C GLY A 20 16.16 -4.45 6.22
N GLU A 21 16.39 -5.77 6.33
CA GLU A 21 17.20 -6.46 5.34
C GLU A 21 16.59 -6.36 3.95
N GLN A 22 15.25 -6.43 3.86
CA GLN A 22 14.62 -6.41 2.54
C GLN A 22 14.44 -4.99 2.01
N LEU A 23 14.08 -4.04 2.89
CA LEU A 23 13.85 -2.67 2.43
C LEU A 23 15.12 -2.04 1.86
N THR A 24 16.30 -2.36 2.43
CA THR A 24 17.51 -1.63 2.08
C THR A 24 17.89 -1.78 0.62
N PRO A 25 17.99 -2.98 0.05
CA PRO A 25 18.31 -3.03 -1.38
C PRO A 25 17.18 -2.53 -2.25
N ALA A 26 15.93 -2.74 -1.85
CA ALA A 26 14.82 -2.20 -2.63
C ALA A 26 14.89 -0.67 -2.69
N MET A 27 15.20 -0.03 -1.56
CA MET A 27 15.36 1.41 -1.54
C MET A 27 16.55 1.86 -2.39
N GLU A 28 17.69 1.21 -2.18
CA GLU A 28 18.90 1.59 -2.92
C GLU A 28 18.68 1.41 -4.42
N LYS A 29 18.05 0.32 -4.83
CA LYS A 29 17.84 0.10 -6.24
C LYS A 29 16.87 1.11 -6.83
N PHE A 30 15.81 1.45 -6.11
CA PHE A 30 14.83 2.39 -6.65
C PHE A 30 15.16 3.85 -6.34
N GLY A 31 16.39 4.15 -5.93
CA GLY A 31 16.81 5.51 -5.73
C GLY A 31 16.22 6.21 -4.53
N ILE A 32 15.81 5.46 -3.51
CA ILE A 32 15.32 6.07 -2.29
C ILE A 32 16.55 6.24 -1.39
N ARG A 33 17.26 7.34 -1.64
CA ARG A 33 18.59 7.54 -1.06
C ARG A 33 18.71 8.83 -0.26
N ASP A 34 17.97 9.88 -0.62
CA ASP A 34 18.18 11.19 -0.01
C ASP A 34 17.51 11.28 1.36
N ARG A 35 18.02 12.20 2.18
CA ARG A 35 17.66 12.26 3.59
C ARG A 35 16.16 12.38 3.79
N GLU A 36 15.56 13.47 3.30
CA GLU A 36 14.11 13.65 3.46
C GLU A 36 13.36 12.54 2.73
N ASP A 37 13.79 12.21 1.51
CA ASP A 37 13.19 11.14 0.73
C ASP A 37 12.98 9.87 1.57
N ILE A 38 14.03 9.44 2.27
CA ILE A 38 13.93 8.22 3.09
C ILE A 38 12.93 8.41 4.22
N ALA A 39 12.91 9.60 4.83
CA ALA A 39 12.06 9.84 5.99
C ALA A 39 10.59 9.78 5.63
N ALA A 40 10.21 10.43 4.52
CA ALA A 40 8.82 10.40 4.07
C ALA A 40 8.40 9.00 3.67
N PHE A 41 9.25 8.30 2.90
CA PHE A 41 8.95 6.93 2.52
C PHE A 41 8.64 6.08 3.73
N ILE A 42 9.55 6.08 4.69
CA ILE A 42 9.37 5.27 5.89
C ILE A 42 8.09 5.66 6.61
N ALA A 43 7.80 6.97 6.70
CA ALA A 43 6.58 7.42 7.38
C ALA A 43 5.34 6.88 6.70
N GLN A 44 5.25 7.04 5.38
CA GLN A 44 4.14 6.47 4.62
C GLN A 44 4.06 4.97 4.80
N LEU A 45 5.21 4.29 4.75
CA LEU A 45 5.26 2.85 5.00
C LEU A 45 4.71 2.52 6.38
N MET A 46 5.01 3.35 7.38
CA MET A 46 4.67 3.02 8.75
C MET A 46 3.19 3.19 9.02
N VAL A 47 2.55 4.18 8.40
CA VAL A 47 1.14 4.39 8.65
C VAL A 47 0.31 3.42 7.80
N GLU A 48 0.76 3.13 6.57
CA GLU A 48 -0.04 2.24 5.73
C GLU A 48 0.01 0.79 6.20
N SER A 49 1.10 0.36 6.82
CA SER A 49 1.25 -1.04 7.24
C SER A 49 0.94 -1.26 8.72
N GLY A 50 0.47 -0.24 9.44
CA GLY A 50 0.22 -0.41 10.87
C GLY A 50 1.51 -0.80 11.59
N GLU A 51 2.58 -0.07 11.28
CA GLU A 51 3.93 -0.36 11.80
C GLU A 51 4.32 -1.80 11.48
N LEU A 52 4.18 -2.17 10.20
CA LEU A 52 4.66 -3.42 9.61
C LEU A 52 3.81 -4.64 10.00
N ASN A 53 2.65 -4.46 10.64
CA ASN A 53 1.79 -5.59 10.96
C ASN A 53 0.76 -5.91 9.87
N ARG A 54 0.44 -4.99 8.97
CA ARG A 54 -0.57 -5.20 7.93
C ARG A 54 0.10 -5.30 6.57
N VAL A 55 -0.16 -6.39 5.85
CA VAL A 55 0.29 -6.49 4.47
C VAL A 55 -0.86 -6.82 3.51
N VAL A 56 -2.10 -6.81 4.01
CA VAL A 56 -3.30 -7.03 3.18
C VAL A 56 -4.34 -5.98 3.55
N GLU A 57 -5.07 -5.49 2.54
CA GLU A 57 -6.00 -4.39 2.76
C GLU A 57 -7.05 -4.71 3.83
N ASN A 58 -7.34 -3.71 4.66
CA ASN A 58 -8.44 -3.82 5.60
C ASN A 58 -9.75 -3.62 4.86
N LEU A 59 -10.64 -4.60 4.93
CA LEU A 59 -11.93 -4.49 4.24
C LEU A 59 -13.11 -4.71 5.17
N SER A 60 -12.94 -4.44 6.46
CA SER A 60 -14.04 -4.43 7.42
C SER A 60 -14.48 -2.99 7.68
N TYR A 61 -15.70 -2.66 7.24
CA TYR A 61 -16.24 -1.31 7.34
C TYR A 61 -17.62 -1.33 8.01
N SER A 62 -17.89 -0.29 8.80
CA SER A 62 -19.24 -0.09 9.30
C SER A 62 -20.20 0.17 8.16
N THR A 63 -21.51 0.05 8.44
CA THR A 63 -22.50 0.44 7.45
C THR A 63 -22.46 1.94 7.23
N LYS A 64 -22.00 2.66 8.25
CA LYS A 64 -21.83 4.12 8.07
C LYS A 64 -20.53 4.42 7.32
N ARG A 65 -19.41 3.92 7.82
CA ARG A 65 -18.10 4.27 7.21
C ARG A 65 -18.17 4.17 5.68
N LEU A 66 -18.74 3.09 5.17
CA LEU A 66 -18.78 2.88 3.70
C LEU A 66 -19.39 4.12 3.04
N ARG A 67 -20.57 4.53 3.51
CA ARG A 67 -21.28 5.66 2.86
C ARG A 67 -20.33 6.85 2.76
N GLU A 68 -19.45 7.01 3.74
CA GLU A 68 -18.45 8.10 3.68
C GLU A 68 -17.36 7.76 2.67
N VAL A 69 -16.55 6.74 2.96
CA VAL A 69 -15.38 6.40 2.09
C VAL A 69 -15.83 6.35 0.63
N TRP A 70 -16.89 5.61 0.32
CA TRP A 70 -17.37 5.47 -1.07
C TRP A 70 -18.83 5.90 -1.15
N PRO A 71 -19.14 7.21 -1.27
CA PRO A 71 -20.53 7.68 -1.23
C PRO A 71 -21.37 7.36 -2.48
N LYS A 72 -20.72 7.26 -3.64
CA LYS A 72 -21.45 6.91 -4.88
C LYS A 72 -21.80 5.44 -4.82
N ARG A 73 -20.80 4.57 -4.65
CA ARG A 73 -21.05 3.11 -4.62
C ARG A 73 -22.02 2.78 -3.50
N PHE A 74 -21.94 3.51 -2.39
CA PHE A 74 -22.82 3.25 -1.23
C PHE A 74 -23.63 4.51 -0.94
N PRO A 75 -24.75 4.69 -1.66
CA PRO A 75 -25.59 5.85 -1.43
C PRO A 75 -26.57 5.86 -0.22
N ASP A 76 -27.28 4.63 -0.14
CA ASP A 76 -28.19 4.41 1.02
C ASP A 76 -27.66 3.28 1.91
N ASP A 77 -28.29 3.10 3.07
CA ASP A 77 -27.88 2.02 4.00
C ASP A 77 -28.32 0.69 3.42
N ARG A 78 -29.55 0.60 2.90
CA ARG A 78 -29.95 -0.65 2.24
C ARG A 78 -28.84 -1.21 1.38
N THR A 79 -28.04 -0.32 0.78
CA THR A 79 -26.89 -0.73 -0.03
C THR A 79 -25.67 -1.01 0.83
N ALA A 80 -25.26 -0.04 1.65
CA ALA A 80 -24.01 -0.18 2.39
C ALA A 80 -24.07 -1.29 3.43
N MET A 81 -25.26 -1.78 3.79
CA MET A 81 -25.34 -2.82 4.81
C MET A 81 -24.93 -4.19 4.28
N ARG A 82 -25.26 -4.48 3.01
CA ARG A 82 -25.00 -5.81 2.47
C ARG A 82 -23.51 -6.08 2.36
N TYR A 83 -22.72 -5.02 2.23
CA TYR A 83 -21.30 -5.16 1.98
C TYR A 83 -20.46 -4.90 3.22
N ALA A 84 -21.00 -4.21 4.21
CA ALA A 84 -20.36 -4.12 5.51
C ALA A 84 -20.30 -5.50 6.13
N ASN A 85 -19.15 -5.80 6.76
CA ASN A 85 -18.91 -7.10 7.37
C ASN A 85 -19.00 -8.24 6.35
N ASN A 86 -18.64 -7.96 5.11
CA ASN A 86 -18.47 -9.01 4.09
C ASN A 86 -17.31 -8.61 3.21
N PRO A 87 -16.07 -8.87 3.67
CA PRO A 87 -14.92 -8.29 2.98
C PRO A 87 -14.84 -8.67 1.52
N GLN A 88 -15.18 -9.92 1.16
CA GLN A 88 -15.06 -10.36 -0.23
C GLN A 88 -16.10 -9.68 -1.12
N ALA A 89 -17.37 -9.70 -0.70
CA ALA A 89 -18.38 -9.01 -1.48
C ALA A 89 -18.03 -7.53 -1.62
N LEU A 90 -17.54 -6.92 -0.54
CA LEU A 90 -17.19 -5.50 -0.55
C LEU A 90 -16.15 -5.20 -1.62
N ALA A 91 -15.02 -5.93 -1.61
CA ALA A 91 -13.94 -5.71 -2.58
C ALA A 91 -14.42 -5.96 -3.99
N ASN A 92 -15.18 -7.03 -4.20
CA ASN A 92 -15.66 -7.35 -5.54
C ASN A 92 -16.59 -6.26 -6.07
N TYR A 93 -17.29 -5.57 -5.18
CA TYR A 93 -18.20 -4.57 -5.69
C TYR A 93 -17.50 -3.22 -5.88
N VAL A 94 -16.79 -2.75 -4.86
CA VAL A 94 -16.26 -1.39 -4.95
C VAL A 94 -15.10 -1.30 -5.93
N TYR A 95 -14.36 -2.38 -6.14
CA TYR A 95 -13.29 -2.37 -7.11
C TYR A 95 -13.71 -2.89 -8.47
N ALA A 96 -15.00 -3.13 -8.68
CA ALA A 96 -15.41 -3.69 -9.96
C ALA A 96 -15.16 -2.69 -11.06
N ASN A 97 -14.71 -3.19 -12.21
CA ASN A 97 -14.56 -2.40 -13.43
C ASN A 97 -13.67 -1.18 -13.22
N ARG A 98 -12.80 -1.21 -12.21
CA ARG A 98 -11.84 -0.14 -11.93
C ARG A 98 -10.44 -0.73 -11.94
N ILE A 99 -9.47 0.16 -12.11
CA ILE A 99 -8.03 -0.17 -12.12
C ILE A 99 -7.77 -1.52 -12.77
N GLY A 100 -8.33 -1.75 -13.95
CA GLY A 100 -8.09 -2.97 -14.69
C GLY A 100 -8.98 -4.13 -14.32
N ASN A 101 -9.72 -4.05 -13.21
CA ASN A 101 -10.48 -5.21 -12.75
C ASN A 101 -11.66 -5.50 -13.68
N GLY A 102 -12.05 -6.77 -13.74
CA GLY A 102 -13.32 -7.15 -14.30
C GLY A 102 -14.49 -6.71 -13.44
N ASN A 103 -15.68 -7.23 -13.77
CA ASN A 103 -16.88 -6.81 -13.06
C ASN A 103 -16.97 -7.51 -11.70
N GLU A 104 -18.10 -7.28 -11.01
CA GLU A 104 -18.28 -7.86 -9.68
C GLU A 104 -18.22 -9.37 -9.76
N ALA A 105 -18.80 -9.94 -10.81
CA ALA A 105 -18.86 -11.39 -10.91
C ALA A 105 -17.47 -11.99 -11.10
N SER A 106 -16.56 -11.22 -11.70
CA SER A 106 -15.24 -11.75 -12.04
C SER A 106 -14.43 -12.07 -10.78
N GLY A 107 -14.72 -11.41 -9.67
CA GLY A 107 -13.92 -11.64 -8.49
C GLY A 107 -12.63 -10.87 -8.46
N ASP A 108 -12.35 -10.04 -9.49
CA ASP A 108 -11.09 -9.30 -9.54
C ASP A 108 -10.90 -8.36 -8.36
N GLY A 109 -11.98 -7.74 -7.88
CA GLY A 109 -11.83 -6.74 -6.82
C GLY A 109 -11.18 -7.33 -5.57
N TRP A 110 -11.64 -8.50 -5.16
CA TRP A 110 -11.07 -9.21 -4.01
C TRP A 110 -9.72 -9.84 -4.37
N ARG A 111 -9.65 -10.49 -5.54
CA ARG A 111 -8.42 -11.14 -5.99
C ARG A 111 -7.23 -10.16 -5.96
N PHE A 112 -7.47 -8.92 -6.39
CA PHE A 112 -6.40 -7.94 -6.51
C PHE A 112 -6.56 -6.80 -5.51
N ARG A 113 -7.07 -7.12 -4.32
CA ARG A 113 -7.16 -6.15 -3.25
C ARG A 113 -5.75 -5.74 -2.82
N GLY A 114 -5.67 -4.63 -2.08
CA GLY A 114 -4.38 -4.10 -1.64
C GLY A 114 -3.51 -5.11 -0.92
N ARG A 115 -2.24 -5.23 -1.32
CA ARG A 115 -1.29 -6.14 -0.69
C ARG A 115 0.11 -5.53 -0.67
N GLY A 116 0.83 -5.77 0.42
CA GLY A 116 2.14 -5.20 0.63
C GLY A 116 2.07 -4.14 1.72
N PRO A 117 3.21 -3.84 2.36
CA PRO A 117 3.19 -2.79 3.40
C PRO A 117 2.75 -1.45 2.88
N ILE A 118 3.21 -1.02 1.71
CA ILE A 118 2.52 -0.01 0.89
C ILE A 118 1.84 -0.76 -0.25
N GLN A 119 0.51 -0.60 -0.38
CA GLN A 119 -0.30 -1.59 -1.09
C GLN A 119 -0.34 -1.37 -2.59
N THR A 120 -0.28 -2.47 -3.33
CA THR A 120 -0.60 -2.49 -4.75
C THR A 120 -2.00 -3.02 -4.89
N THR A 121 -2.80 -2.38 -5.76
CA THR A 121 -4.23 -2.69 -5.84
C THR A 121 -4.71 -2.69 -7.28
N GLY A 122 -5.45 -3.73 -7.64
CA GLY A 122 -6.15 -3.77 -8.93
C GLY A 122 -5.37 -4.50 -10.00
N ARG A 123 -6.11 -5.20 -10.87
CA ARG A 123 -5.49 -6.05 -11.87
C ARG A 123 -4.43 -5.32 -12.68
N ALA A 124 -4.68 -4.06 -13.01
CA ALA A 124 -3.78 -3.34 -13.89
C ALA A 124 -2.47 -3.03 -13.19
N ASN A 125 -2.53 -2.77 -11.89
CA ASN A 125 -1.30 -2.48 -11.16
C ASN A 125 -0.50 -3.73 -10.86
N TYR A 126 -1.16 -4.84 -10.49
CA TYR A 126 -0.46 -6.12 -10.38
C TYR A 126 0.19 -6.49 -11.70
N LEU A 127 -0.51 -6.30 -12.80
CA LEU A 127 0.07 -6.57 -14.11
C LEU A 127 1.31 -5.71 -14.32
N GLN A 128 1.21 -4.43 -13.96
CA GLN A 128 2.36 -3.55 -14.14
C GLN A 128 3.46 -3.93 -13.19
N LEU A 129 3.11 -4.18 -11.93
CA LEU A 129 4.08 -4.73 -11.01
C LEU A 129 4.72 -5.99 -11.61
N GLU A 130 3.91 -6.89 -12.19
CA GLU A 130 4.47 -8.10 -12.79
C GLU A 130 5.49 -7.77 -13.88
N ARG A 131 5.15 -6.81 -14.75
CA ARG A 131 6.04 -6.50 -15.85
C ARG A 131 7.36 -5.96 -15.34
N ALA A 132 7.31 -5.07 -14.36
CA ALA A 132 8.51 -4.40 -13.87
C ALA A 132 9.38 -5.30 -12.98
N LEU A 133 8.77 -6.17 -12.17
CA LEU A 133 9.55 -6.98 -11.23
C LEU A 133 9.85 -8.39 -11.73
N GLY A 134 9.20 -8.84 -12.80
CA GLY A 134 9.44 -10.19 -13.32
C GLY A 134 9.03 -11.31 -12.40
N ILE A 135 7.89 -11.14 -11.72
CA ILE A 135 7.37 -12.12 -10.77
C ILE A 135 5.89 -12.27 -11.09
N PRO A 136 5.35 -13.47 -11.12
CA PRO A 136 3.99 -13.64 -11.63
C PRO A 136 2.94 -13.30 -10.59
N VAL A 137 2.89 -12.01 -10.20
CA VAL A 137 1.99 -11.57 -9.15
C VAL A 137 0.58 -11.35 -9.67
N THR A 138 0.38 -11.44 -10.99
CA THR A 138 -0.98 -11.48 -11.51
C THR A 138 -1.66 -12.77 -11.11
N ARG A 139 -0.95 -13.89 -11.26
CA ARG A 139 -1.50 -15.21 -10.91
C ARG A 139 -1.33 -15.48 -9.42
N LYS A 140 -0.25 -14.97 -8.84
CA LYS A 140 0.04 -15.24 -7.43
C LYS A 140 0.16 -13.91 -6.70
N PRO A 141 -0.95 -13.19 -6.50
CA PRO A 141 -0.84 -11.85 -5.90
C PRO A 141 -0.44 -11.88 -4.44
N GLU A 142 -0.69 -12.99 -3.75
CA GLU A 142 -0.29 -13.06 -2.35
C GLU A 142 1.22 -13.09 -2.17
N LEU A 143 2.01 -13.12 -3.25
CA LEU A 143 3.46 -13.01 -3.06
C LEU A 143 3.87 -11.62 -2.57
N LEU A 144 2.96 -10.65 -2.61
CA LEU A 144 3.28 -9.33 -2.06
C LEU A 144 3.14 -9.29 -0.54
N GLU A 145 2.67 -10.36 0.08
CA GLU A 145 2.67 -10.45 1.53
C GLU A 145 4.03 -10.83 2.08
N THR A 146 4.99 -11.15 1.22
CA THR A 146 6.33 -11.49 1.70
C THR A 146 7.11 -10.22 2.02
N GLN A 147 8.09 -10.37 2.91
CA GLN A 147 8.99 -9.27 3.17
C GLN A 147 9.74 -8.87 1.92
N ALA A 148 10.16 -9.86 1.12
CA ALA A 148 11.05 -9.61 -0.01
C ALA A 148 10.34 -8.85 -1.12
N LEU A 149 9.16 -9.31 -1.53
CA LEU A 149 8.49 -8.61 -2.61
C LEU A 149 7.59 -7.49 -2.12
N GLY A 150 7.12 -7.55 -0.88
CA GLY A 150 6.44 -6.39 -0.31
C GLY A 150 7.35 -5.18 -0.22
N ALA A 151 8.58 -5.36 0.26
CA ALA A 151 9.55 -4.27 0.28
C ALA A 151 9.85 -3.76 -1.12
N LEU A 152 10.08 -4.67 -2.07
CA LEU A 152 10.40 -4.23 -3.42
C LEU A 152 9.22 -3.51 -4.06
N ALA A 153 8.00 -3.99 -3.79
CA ALA A 153 6.79 -3.37 -4.34
C ALA A 153 6.47 -2.06 -3.63
N ALA A 154 6.58 -2.05 -2.30
CA ALA A 154 6.50 -0.79 -1.55
C ALA A 154 7.48 0.25 -2.11
N ALA A 155 8.74 -0.15 -2.32
CA ALA A 155 9.71 0.83 -2.83
C ALA A 155 9.40 1.20 -4.28
N LYS A 156 9.00 0.23 -5.10
CA LYS A 156 8.65 0.57 -6.48
C LYS A 156 7.43 1.49 -6.52
N PHE A 157 6.47 1.30 -5.61
CA PHE A 157 5.29 2.16 -5.59
C PHE A 157 5.69 3.61 -5.30
N TRP A 158 6.62 3.82 -4.36
CA TRP A 158 7.06 5.18 -4.04
C TRP A 158 7.86 5.77 -5.20
N TYR A 159 8.70 4.94 -5.83
CA TYR A 159 9.43 5.35 -7.02
C TYR A 159 8.49 5.79 -8.14
N ASP A 160 7.42 5.03 -8.36
CA ASP A 160 6.44 5.44 -9.37
C ASP A 160 5.88 6.82 -9.05
N ASN A 161 5.61 7.09 -7.78
CA ASN A 161 5.01 8.37 -7.40
C ASN A 161 5.99 9.51 -7.63
N LYS A 162 7.28 9.27 -7.46
CA LYS A 162 8.25 10.33 -7.74
C LYS A 162 8.41 10.56 -9.24
N LEU A 163 8.29 9.51 -10.05
CA LEU A 163 8.25 9.68 -11.50
C LEU A 163 7.11 10.61 -11.91
N THR A 164 5.90 10.36 -11.42
CA THR A 164 4.77 11.24 -11.72
C THR A 164 5.08 12.67 -11.29
N SER A 165 5.47 12.84 -10.02
CA SER A 165 5.82 14.16 -9.50
C SER A 165 6.87 14.83 -10.37
N LEU A 166 7.95 14.10 -10.67
CA LEU A 166 8.97 14.62 -11.58
C LEU A 166 8.40 14.94 -12.95
N ALA A 167 7.54 14.06 -13.50
CA ALA A 167 7.06 14.26 -14.86
C ALA A 167 6.15 15.48 -15.01
N LEU A 168 5.54 15.94 -13.92
CA LEU A 168 4.74 17.15 -14.02
C LEU A 168 5.60 18.41 -13.94
N ASP A 169 6.61 18.43 -13.06
CA ASP A 169 7.48 19.61 -12.96
C ASP A 169 8.08 19.96 -14.31
N ILE A 170 8.45 18.94 -15.09
CA ILE A 170 8.98 19.17 -16.43
C ILE A 170 7.98 19.95 -17.27
N ALA A 171 6.70 19.56 -17.21
CA ALA A 171 5.64 20.21 -17.97
C ALA A 171 4.84 21.21 -17.13
N GLY A 172 5.51 22.06 -16.35
CA GLY A 172 4.86 22.99 -15.44
C GLY A 172 3.68 23.79 -15.97
N GLY A 192 -4.89 9.33 11.63
CA GLY A 192 -5.05 9.63 10.21
C GLY A 192 -3.84 10.26 9.55
N LEU A 193 -4.02 11.46 8.99
CA LEU A 193 -2.91 12.20 8.39
C LEU A 193 -1.95 12.76 9.42
N ALA A 194 -2.41 12.93 10.66
CA ALA A 194 -1.49 13.28 11.74
C ALA A 194 -0.57 12.12 12.07
N ARG A 195 -1.03 10.87 11.87
CA ARG A 195 -0.20 9.70 12.07
C ARG A 195 1.03 9.74 11.17
N ARG A 196 0.81 9.94 9.88
CA ARG A 196 1.91 10.11 8.93
C ARG A 196 2.88 11.20 9.39
N ARG A 197 2.38 12.22 10.09
CA ARG A 197 3.24 13.31 10.52
C ARG A 197 4.14 12.90 11.69
N GLN A 198 3.60 12.19 12.69
CA GLN A 198 4.41 11.71 13.79
C GLN A 198 5.65 10.99 13.29
N TYR A 199 5.44 9.87 12.60
CA TYR A 199 6.53 9.07 12.04
C TYR A 199 7.56 9.95 11.34
N ARG A 200 7.09 10.76 10.38
CA ARG A 200 7.98 11.55 9.52
C ARG A 200 8.95 12.38 10.34
N ASP A 201 8.42 13.21 11.25
CA ASP A 201 9.30 14.00 12.10
C ASP A 201 10.13 13.11 13.03
N LYS A 202 9.52 12.07 13.60
CA LYS A 202 10.29 11.09 14.37
C LYS A 202 11.39 10.47 13.52
N ALA A 203 11.10 10.22 12.24
CA ALA A 203 12.12 9.76 11.31
C ALA A 203 13.06 10.89 10.94
N ARG A 204 12.50 12.06 10.60
CA ARG A 204 13.32 13.20 10.22
C ARG A 204 14.27 13.60 11.35
N LYS A 205 13.89 13.31 12.60
CA LYS A 205 14.78 13.56 13.74
C LYS A 205 16.10 12.81 13.57
N HIS A 206 16.04 11.60 13.04
CA HIS A 206 17.24 10.87 12.67
C HIS A 206 17.98 11.61 11.56
N LEU A 207 19.06 12.31 11.92
CA LEU A 207 19.82 13.17 11.01
C LEU A 207 18.90 14.15 10.27
S SO4 B . -7.48 -15.35 -0.43
O1 SO4 B . -6.27 -14.86 -1.21
O2 SO4 B . -7.25 -16.77 0.05
O3 SO4 B . -7.99 -14.59 0.77
O4 SO4 B . -8.96 -15.51 -0.75
BR BR C . -8.21 -17.34 -7.63
BR BR D . -5.95 -14.55 -14.99
#